data_8X05
#
_entry.id   8X05
#
_cell.length_a   54.150
_cell.length_b   67.296
_cell.length_c   85.926
_cell.angle_alpha   90.000
_cell.angle_beta   90.000
_cell.angle_gamma   90.000
#
_symmetry.space_group_name_H-M   'P 21 21 21'
#
loop_
_entity.id
_entity.type
_entity.pdbx_description
1 polymer Glucanase
2 branched beta-D-glucopyranose-(1-4)-alpha-D-glucopyranose
3 non-polymer beta-D-glucopyranose
4 water water
#
_entity_poly.entity_id   1
_entity_poly.type   'polypeptide(L)'
_entity_poly.pdbx_seq_one_letter_code
;SANNPWTGFQIFLSPYYANEVAAAAKQITDPTLSSKAASVANIPTFTWLDSVAKIPDLGTYLASASALGKSTGTKQLVQI
VIYDLPDRDCAAKASNGEFSIANNGQANYENYIDQIVAQIQQFPDVRVVAVIEPDSLANLVTNLNVQKCANAKTTYLASV
NYALTNLAKVGVYMYMDAGHAGWLGWPANLSPAAQLFTQVWQNAGKSPFIKGLATNVANYNALQAASPDPITQGNPNYDE
IHYINALAPLLQQAGWDATFIVDQGRSGVQNIRQQWGDWCNIKGAGFGTRPTTNTGSQFIDSIVWVKPGGESDGTSNSSS
PRYDSTCSLPDAAQPAPEAGTWFQAYFQTLVSAANPPL
;
_entity_poly.pdbx_strand_id   A
#
loop_
_chem_comp.id
_chem_comp.type
_chem_comp.name
_chem_comp.formula
BGC D-saccharide, beta linking beta-D-glucopyranose 'C6 H12 O6'
GLC D-saccharide, alpha linking alpha-D-glucopyranose 'C6 H12 O6'
#
# COMPACT_ATOMS: atom_id res chain seq x y z
N SER A 1 7.53 -19.64 0.62
N SER A 1 8.05 -21.65 1.92
CA SER A 1 6.95 -20.98 0.61
CA SER A 1 6.82 -22.17 1.32
C SER A 1 6.88 -21.52 -0.81
C SER A 1 7.08 -22.86 -0.03
N ALA A 2 6.18 -22.65 -1.00
CA ALA A 2 6.22 -23.35 -2.28
C ALA A 2 5.61 -22.52 -3.39
N ASN A 3 4.53 -21.81 -3.06
CA ASN A 3 3.71 -21.12 -4.05
C ASN A 3 3.86 -19.61 -3.89
N ASN A 4 4.87 -19.05 -4.54
CA ASN A 4 4.99 -17.60 -4.63
C ASN A 4 4.13 -17.12 -5.79
N PRO A 5 3.17 -16.23 -5.59
CA PRO A 5 2.25 -15.86 -6.68
C PRO A 5 2.95 -15.31 -7.91
N TRP A 6 4.15 -14.75 -7.76
CA TRP A 6 4.85 -14.14 -8.90
C TRP A 6 5.62 -15.13 -9.75
N THR A 7 5.94 -16.31 -9.22
CA THR A 7 6.74 -17.25 -9.99
C THR A 7 6.03 -17.64 -11.28
N GLY A 8 6.75 -17.54 -12.40
CA GLY A 8 6.20 -17.99 -13.66
C GLY A 8 5.25 -17.03 -14.35
N PHE A 9 5.14 -15.79 -13.88
CA PHE A 9 4.26 -14.80 -14.48
C PHE A 9 5.05 -13.55 -14.88
N GLN A 10 4.56 -12.90 -15.93
CA GLN A 10 4.99 -11.55 -16.27
CA GLN A 10 5.00 -11.55 -16.26
C GLN A 10 3.99 -10.58 -15.66
N ILE A 11 4.48 -9.59 -14.95
CA ILE A 11 3.59 -8.61 -14.34
C ILE A 11 3.10 -7.64 -15.42
N PHE A 12 1.80 -7.49 -15.53
CA PHE A 12 1.20 -6.52 -16.43
C PHE A 12 1.44 -5.11 -15.88
N LEU A 13 2.08 -4.25 -16.67
CA LEU A 13 2.38 -2.90 -16.20
C LEU A 13 1.10 -2.08 -16.07
N SER A 14 0.98 -1.29 -15.01
CA SER A 14 -0.17 -0.42 -14.81
C SER A 14 -0.37 0.55 -15.96
N PRO A 15 -1.49 0.48 -16.68
CA PRO A 15 -1.76 1.52 -17.69
C PRO A 15 -2.13 2.84 -17.06
N TYR A 16 -2.73 2.82 -15.86
CA TYR A 16 -3.11 4.04 -15.19
C TYR A 16 -1.86 4.83 -14.79
N TYR A 17 -0.91 4.17 -14.13
CA TYR A 17 0.34 4.82 -13.79
C TYR A 17 1.15 5.18 -15.03
N ALA A 18 1.15 4.30 -16.05
CA ALA A 18 1.89 4.61 -17.27
C ALA A 18 1.41 5.91 -17.89
N ASN A 19 0.10 6.15 -17.87
CA ASN A 19 -0.42 7.39 -18.42
CA ASN A 19 -0.42 7.39 -18.42
C ASN A 19 0.00 8.59 -17.58
N GLU A 20 -0.02 8.46 -16.25
CA GLU A 20 0.43 9.56 -15.41
C GLU A 20 1.92 9.82 -15.65
N VAL A 21 2.72 8.76 -15.75
CA VAL A 21 4.16 8.90 -15.87
C VAL A 21 4.56 9.47 -17.22
N ALA A 22 3.93 9.01 -18.30
CA ALA A 22 4.26 9.53 -19.63
C ALA A 22 4.01 11.03 -19.70
N ALA A 23 2.85 11.47 -19.20
CA ALA A 23 2.54 12.89 -19.18
C ALA A 23 3.48 13.65 -18.26
N ALA A 24 3.82 13.06 -17.12
CA ALA A 24 4.74 13.70 -16.19
C ALA A 24 6.13 13.86 -16.82
N ALA A 25 6.60 12.83 -17.53
CA ALA A 25 7.96 12.86 -18.04
C ALA A 25 8.15 13.96 -19.08
N LYS A 26 7.12 14.25 -19.87
CA LYS A 26 7.30 15.29 -20.88
CA LYS A 26 7.22 15.30 -20.89
C LYS A 26 7.33 16.69 -20.27
N GLN A 27 6.99 16.83 -19.00
CA GLN A 27 7.08 18.12 -18.31
C GLN A 27 8.36 18.28 -17.51
N ILE A 28 9.16 17.22 -17.39
CA ILE A 28 10.47 17.34 -16.74
C ILE A 28 11.45 17.91 -17.75
N THR A 29 12.04 19.06 -17.42
CA THR A 29 12.74 19.86 -18.42
C THR A 29 14.11 19.29 -18.77
N ASP A 30 14.83 18.75 -17.79
CA ASP A 30 16.12 18.14 -18.08
C ASP A 30 15.94 16.88 -18.92
N PRO A 31 16.63 16.76 -20.06
CA PRO A 31 16.43 15.58 -20.92
C PRO A 31 16.83 14.28 -20.23
N THR A 32 17.94 14.28 -19.50
CA THR A 32 18.41 13.06 -18.85
C THR A 32 17.41 12.61 -17.79
N LEU A 33 16.95 13.53 -16.96
CA LEU A 33 15.95 13.19 -15.95
C LEU A 33 14.63 12.78 -16.59
N SER A 34 14.28 13.38 -17.74
CA SER A 34 13.02 13.03 -18.38
C SER A 34 13.00 11.59 -18.85
N SER A 35 14.09 11.11 -19.45
CA SER A 35 14.12 9.72 -19.89
C SER A 35 14.10 8.76 -18.70
N LYS A 36 14.81 9.10 -17.63
CA LYS A 36 14.74 8.31 -16.41
C LYS A 36 13.32 8.27 -15.89
N ALA A 37 12.64 9.43 -15.90
CA ALA A 37 11.27 9.47 -15.40
C ALA A 37 10.34 8.63 -16.25
N ALA A 38 10.49 8.70 -17.58
CA ALA A 38 9.62 7.91 -18.45
C ALA A 38 9.80 6.42 -18.21
N SER A 39 11.01 5.98 -17.85
CA SER A 39 11.28 4.57 -17.62
C SER A 39 10.52 4.01 -16.43
N VAL A 40 10.03 4.89 -15.54
CA VAL A 40 9.25 4.45 -14.40
C VAL A 40 8.00 3.71 -14.83
N ALA A 41 7.48 4.02 -16.02
CA ALA A 41 6.29 3.32 -16.51
C ALA A 41 6.53 1.85 -16.81
N ASN A 42 7.79 1.43 -16.87
CA ASN A 42 8.13 0.02 -17.09
C ASN A 42 8.47 -0.71 -15.82
N ILE A 43 8.23 -0.09 -14.67
CA ILE A 43 8.46 -0.69 -13.36
C ILE A 43 7.10 -1.11 -12.82
N PRO A 44 6.90 -2.38 -12.45
CA PRO A 44 5.56 -2.83 -12.04
C PRO A 44 5.09 -2.17 -10.74
N THR A 45 3.83 -1.75 -10.73
CA THR A 45 3.21 -1.11 -9.58
C THR A 45 1.81 -1.68 -9.39
N PHE A 46 1.22 -1.37 -8.23
CA PHE A 46 -0.15 -1.76 -7.94
C PHE A 46 -1.09 -0.65 -8.35
N THR A 47 -2.23 -1.01 -8.95
CA THR A 47 -3.21 -0.03 -9.38
C THR A 47 -4.36 -0.07 -8.37
N TRP A 48 -4.76 1.09 -7.88
CA TRP A 48 -5.68 1.18 -6.76
C TRP A 48 -7.11 1.27 -7.25
N LEU A 49 -7.97 0.37 -6.76
CA LEU A 49 -9.41 0.46 -7.02
C LEU A 49 -10.02 1.28 -5.88
N ASP A 50 -9.70 2.59 -5.88
CA ASP A 50 -10.06 3.49 -4.80
C ASP A 50 -11.46 4.04 -4.93
N SER A 51 -12.19 3.64 -5.96
CA SER A 51 -13.60 4.02 -6.12
C SER A 51 -14.23 3.04 -7.08
N VAL A 52 -15.57 2.98 -7.04
CA VAL A 52 -16.30 2.11 -7.96
C VAL A 52 -16.01 2.49 -9.40
N ALA A 53 -15.69 3.77 -9.65
CA ALA A 53 -15.37 4.22 -11.00
C ALA A 53 -14.18 3.50 -11.61
N LYS A 54 -13.32 2.91 -10.78
CA LYS A 54 -12.13 2.23 -11.26
C LYS A 54 -12.43 0.79 -11.68
N ILE A 55 -13.60 0.25 -11.36
CA ILE A 55 -13.86 -1.16 -11.66
C ILE A 55 -13.84 -1.45 -13.15
N PRO A 56 -14.45 -0.64 -14.02
CA PRO A 56 -14.30 -0.87 -15.46
C PRO A 56 -12.84 -0.83 -15.90
N ASP A 57 -11.99 -0.01 -15.28
CA ASP A 57 -10.58 -0.04 -15.61
C ASP A 57 -10.00 -1.43 -15.35
N LEU A 58 -10.35 -2.03 -14.21
CA LEU A 58 -9.88 -3.37 -13.90
C LEU A 58 -10.24 -4.33 -15.03
N GLY A 59 -11.48 -4.24 -15.52
CA GLY A 59 -11.85 -5.09 -16.64
C GLY A 59 -10.94 -4.91 -17.83
N THR A 60 -10.58 -3.66 -18.16
CA THR A 60 -9.69 -3.46 -19.29
C THR A 60 -8.30 -4.02 -19.02
N TYR A 61 -7.82 -3.92 -17.78
CA TYR A 61 -6.50 -4.46 -17.45
C TYR A 61 -6.49 -5.96 -17.60
N LEU A 62 -7.52 -6.63 -17.09
CA LEU A 62 -7.59 -8.08 -17.20
C LEU A 62 -7.66 -8.51 -18.65
N ALA A 63 -8.49 -7.85 -19.45
CA ALA A 63 -8.65 -8.22 -20.84
C ALA A 63 -7.38 -7.95 -21.64
N SER A 64 -6.70 -6.83 -21.35
CA SER A 64 -5.45 -6.54 -22.03
C SER A 64 -4.36 -7.52 -21.60
N ALA A 65 -4.33 -7.86 -20.31
CA ALA A 65 -3.35 -8.83 -19.84
C ALA A 65 -3.60 -10.20 -20.46
N SER A 66 -4.86 -10.61 -20.56
CA SER A 66 -5.17 -11.90 -21.19
C SER A 66 -4.66 -11.94 -22.61
N ALA A 67 -4.96 -10.89 -23.39
CA ALA A 67 -4.50 -10.84 -24.77
C ALA A 67 -2.98 -10.82 -24.85
N LEU A 68 -2.33 -10.01 -23.99
CA LEU A 68 -0.88 -9.94 -24.01
C LEU A 68 -0.26 -11.29 -23.66
N GLY A 69 -0.88 -12.03 -22.76
CA GLY A 69 -0.37 -13.36 -22.44
C GLY A 69 -0.40 -14.27 -23.65
N LYS A 70 -1.52 -14.27 -24.37
N LYS A 70 -1.43 -14.14 -24.47
CA LYS A 70 -1.65 -15.14 -25.53
CA LYS A 70 -1.49 -14.82 -25.76
C LYS A 70 -0.70 -14.74 -26.64
C LYS A 70 -0.63 -14.17 -26.83
N SER A 71 -0.57 -13.43 -26.88
N SER A 71 0.08 -13.09 -26.51
CA SER A 71 0.31 -12.95 -27.95
CA SER A 71 0.94 -12.40 -27.47
C SER A 71 1.77 -13.28 -27.64
C SER A 71 2.42 -12.67 -27.20
N THR A 72 2.19 -13.03 -26.40
N THR A 72 2.91 -12.28 -26.02
CA THR A 72 3.59 -13.20 -26.01
CA THR A 72 4.28 -12.50 -25.64
C THR A 72 3.90 -14.60 -25.48
C THR A 72 4.54 -13.89 -25.08
N GLY A 73 2.90 -15.47 -25.37
N GLY A 73 3.56 -14.79 -25.14
CA GLY A 73 3.11 -16.82 -24.89
CA GLY A 73 3.75 -16.13 -24.63
C GLY A 73 3.32 -16.94 -23.40
C GLY A 73 4.09 -16.19 -23.15
N THR A 74 2.97 -15.92 -22.63
N THR A 74 3.66 -15.20 -22.38
CA THR A 74 3.21 -15.88 -21.20
CA THR A 74 3.93 -15.12 -20.95
C THR A 74 1.90 -15.91 -20.42
C THR A 74 2.60 -14.98 -20.22
N LYS A 75 2.04 -16.07 -19.12
N LYS A 75 2.36 -15.84 -19.24
CA LYS A 75 0.95 -15.88 -18.17
CA LYS A 75 1.20 -15.70 -18.39
C LYS A 75 1.19 -14.54 -17.49
C LYS A 75 1.28 -14.37 -17.64
N GLN A 76 0.15 -13.69 -17.50
CA GLN A 76 0.18 -12.33 -16.98
C GLN A 76 -0.43 -12.22 -15.59
N LEU A 77 0.10 -11.27 -14.83
CA LEU A 77 -0.31 -11.02 -13.45
C LEU A 77 -0.65 -9.55 -13.27
N VAL A 78 -1.86 -9.30 -12.77
CA VAL A 78 -2.38 -7.96 -12.57
C VAL A 78 -2.37 -7.66 -11.07
N GLN A 79 -1.78 -6.53 -10.70
CA GLN A 79 -1.60 -6.13 -9.30
C GLN A 79 -2.58 -5.02 -8.95
N ILE A 80 -3.45 -5.27 -7.97
CA ILE A 80 -4.46 -4.29 -7.58
C ILE A 80 -4.48 -4.06 -6.07
N VAL A 81 -5.07 -2.94 -5.69
CA VAL A 81 -5.36 -2.61 -4.30
C VAL A 81 -6.86 -2.46 -4.15
N ILE A 82 -7.42 -3.18 -3.19
CA ILE A 82 -8.81 -3.05 -2.80
C ILE A 82 -8.85 -1.96 -1.73
N TYR A 83 -9.49 -0.83 -2.03
CA TYR A 83 -9.35 0.35 -1.16
C TYR A 83 -10.61 1.21 -1.25
N ASP A 84 -11.74 0.72 -0.73
CA ASP A 84 -12.96 1.52 -0.78
C ASP A 84 -13.88 1.25 0.41
N LEU A 85 -13.31 0.93 1.57
CA LEU A 85 -14.13 0.66 2.75
C LEU A 85 -15.06 1.83 3.06
N PRO A 86 -16.25 1.54 3.58
CA PRO A 86 -17.05 2.61 4.19
C PRO A 86 -16.29 3.22 5.36
N ASP A 87 -16.40 4.54 5.52
CA ASP A 87 -15.67 5.26 6.56
C ASP A 87 -14.17 4.94 6.47
N ARG A 88 -13.67 4.99 5.24
CA ARG A 88 -12.26 4.69 4.95
C ARG A 88 -11.35 5.67 5.69
N ASP A 89 -10.18 5.17 6.08
CA ASP A 89 -9.14 6.01 6.69
C ASP A 89 -9.63 6.60 8.01
N CYS A 90 -9.99 5.72 8.95
CA CYS A 90 -10.76 6.18 10.10
C CYS A 90 -9.94 7.02 11.09
N ALA A 91 -8.61 6.95 11.06
CA ALA A 91 -7.78 7.70 12.01
C ALA A 91 -7.11 8.91 11.37
N ALA A 92 -7.53 9.29 10.18
CA ALA A 92 -7.00 10.45 9.47
C ALA A 92 -8.12 11.02 8.63
N LYS A 93 -7.87 12.14 7.99
CA LYS A 93 -8.90 12.76 7.19
C LYS A 93 -8.57 12.80 5.70
N ALA A 94 -7.31 12.54 5.34
CA ALA A 94 -6.84 12.83 3.98
C ALA A 94 -7.46 11.94 2.92
N SER A 95 -7.78 10.69 3.26
CA SER A 95 -8.19 9.72 2.26
C SER A 95 -9.60 9.18 2.50
N ASN A 96 -10.45 9.96 3.17
CA ASN A 96 -11.86 9.61 3.25
CA ASN A 96 -11.87 9.63 3.24
C ASN A 96 -12.40 9.31 1.85
N GLY A 97 -13.26 8.30 1.76
CA GLY A 97 -13.73 7.78 0.49
C GLY A 97 -15.20 8.06 0.21
N GLU A 98 -15.68 7.48 -0.89
CA GLU A 98 -17.04 7.73 -1.38
C GLU A 98 -18.11 7.03 -0.56
N PHE A 99 -17.77 6.01 0.23
CA PHE A 99 -18.76 5.25 0.97
C PHE A 99 -18.68 5.60 2.45
N SER A 100 -19.84 5.75 3.08
CA SER A 100 -19.91 6.00 4.51
C SER A 100 -20.90 5.04 5.14
N ILE A 101 -20.62 4.68 6.38
N ILE A 101 -20.65 4.68 6.40
CA ILE A 101 -21.49 3.75 7.09
CA ILE A 101 -21.42 3.63 7.06
C ILE A 101 -22.91 4.30 7.16
C ILE A 101 -22.92 3.93 7.01
N ALA A 102 -23.06 5.63 7.34
N ALA A 102 -23.32 5.11 7.47
CA ALA A 102 -24.38 6.25 7.47
CA ALA A 102 -24.74 5.44 7.54
C ALA A 102 -25.11 6.40 6.14
C ALA A 102 -25.37 5.51 6.14
N ASN A 103 -24.44 6.14 5.01
N ASN A 103 -24.55 5.78 5.13
CA ASN A 103 -25.07 6.24 3.70
CA ASN A 103 -25.05 5.85 3.75
C ASN A 103 -24.91 4.93 2.94
C ASN A 103 -25.14 4.48 3.11
N ASN A 104 -25.48 3.87 3.50
N ASN A 104 -25.60 3.47 3.87
CA ASN A 104 -25.58 2.58 2.81
CA ASN A 104 -25.67 2.09 3.40
C ASN A 104 -24.21 1.95 2.55
C ASN A 104 -24.31 1.58 2.90
N GLY A 105 -23.24 2.19 3.43
CA GLY A 105 -21.86 1.87 3.07
C GLY A 105 -21.51 0.41 2.95
N GLN A 106 -21.91 -0.39 3.94
N GLN A 106 -21.92 -0.40 3.94
CA GLN A 106 -21.56 -1.80 3.94
CA GLN A 106 -21.54 -1.80 3.92
C GLN A 106 -22.13 -2.50 2.72
C GLN A 106 -22.15 -2.55 2.74
N ALA A 107 -23.39 -2.23 2.39
CA ALA A 107 -24.01 -2.86 1.23
C ALA A 107 -23.37 -2.35 -0.05
N ASN A 108 -23.05 -1.06 -0.12
CA ASN A 108 -22.36 -0.53 -1.29
C ASN A 108 -21.01 -1.21 -1.46
N TYR A 109 -20.31 -1.46 -0.36
CA TYR A 109 -19.00 -2.10 -0.44
C TYR A 109 -19.13 -3.52 -0.97
N GLU A 110 -20.14 -4.25 -0.48
N GLU A 110 -20.13 -4.25 -0.52
CA GLU A 110 -20.42 -5.60 -0.98
CA GLU A 110 -20.25 -5.60 -1.02
C GLU A 110 -20.60 -5.56 -2.49
C GLU A 110 -20.69 -5.64 -2.49
N ASN A 111 -21.35 -4.59 -2.97
CA ASN A 111 -21.59 -4.48 -4.40
C ASN A 111 -20.31 -4.15 -5.15
N TYR A 112 -19.46 -3.29 -4.58
CA TYR A 112 -18.14 -3.01 -5.12
C TYR A 112 -17.33 -4.30 -5.27
N ILE A 113 -17.29 -5.13 -4.22
CA ILE A 113 -16.58 -6.40 -4.32
C ILE A 113 -17.23 -7.30 -5.37
N ASP A 114 -18.56 -7.37 -5.37
CA ASP A 114 -19.23 -8.24 -6.34
C ASP A 114 -18.89 -7.85 -7.77
N GLN A 115 -18.84 -6.54 -8.05
CA GLN A 115 -18.48 -6.13 -9.41
C GLN A 115 -17.04 -6.45 -9.74
N ILE A 116 -16.14 -6.34 -8.77
CA ILE A 116 -14.75 -6.72 -8.99
C ILE A 116 -14.65 -8.20 -9.28
N VAL A 117 -15.33 -9.02 -8.47
CA VAL A 117 -15.33 -10.47 -8.67
C VAL A 117 -15.85 -10.83 -10.06
N ALA A 118 -16.91 -10.14 -10.49
CA ALA A 118 -17.51 -10.44 -11.79
C ALA A 118 -16.55 -10.15 -12.94
N GLN A 119 -15.71 -9.13 -12.80
CA GLN A 119 -14.68 -8.89 -13.81
C GLN A 119 -13.64 -9.99 -13.79
N ILE A 120 -13.13 -10.31 -12.61
CA ILE A 120 -12.03 -11.27 -12.49
C ILE A 120 -12.45 -12.65 -12.96
N GLN A 121 -13.72 -13.01 -12.72
CA GLN A 121 -14.24 -14.30 -13.13
C GLN A 121 -14.14 -14.50 -14.64
N GLN A 122 -14.15 -13.42 -15.42
CA GLN A 122 -14.12 -13.54 -16.86
C GLN A 122 -12.74 -13.86 -17.42
N PHE A 123 -11.68 -13.77 -16.62
CA PHE A 123 -10.31 -13.92 -17.11
C PHE A 123 -9.52 -14.86 -16.20
N PRO A 124 -9.91 -16.13 -16.14
CA PRO A 124 -9.21 -17.08 -15.26
C PRO A 124 -7.77 -17.36 -15.69
N ASP A 125 -7.39 -17.00 -16.92
CA ASP A 125 -6.02 -17.14 -17.38
C ASP A 125 -5.09 -16.05 -16.86
N VAL A 126 -5.63 -15.01 -16.23
CA VAL A 126 -4.84 -13.91 -15.70
C VAL A 126 -4.78 -14.08 -14.19
N ARG A 127 -3.58 -14.05 -13.63
CA ARG A 127 -3.47 -14.07 -12.18
C ARG A 127 -3.66 -12.65 -11.63
N VAL A 128 -4.31 -12.55 -10.47
CA VAL A 128 -4.50 -11.29 -9.78
C VAL A 128 -3.88 -11.40 -8.41
N VAL A 129 -3.07 -10.40 -8.04
CA VAL A 129 -2.60 -10.22 -6.67
C VAL A 129 -3.21 -8.93 -6.15
N ALA A 130 -3.86 -9.02 -5.00
CA ALA A 130 -4.52 -7.87 -4.40
C ALA A 130 -4.00 -7.60 -3.00
N VAL A 131 -3.70 -6.33 -2.73
CA VAL A 131 -3.50 -5.84 -1.37
C VAL A 131 -4.87 -5.43 -0.84
N ILE A 132 -5.22 -5.94 0.34
CA ILE A 132 -6.56 -5.73 0.89
C ILE A 132 -6.54 -4.58 1.89
N GLU A 133 -7.19 -3.48 1.52
CA GLU A 133 -7.60 -2.36 2.37
C GLU A 133 -6.50 -1.77 3.25
N PRO A 134 -5.54 -1.07 2.66
N PRO A 134 -5.51 -1.08 2.65
CA PRO A 134 -4.50 -0.40 3.45
CA PRO A 134 -4.57 -0.26 3.43
C PRO A 134 -5.07 0.39 4.60
C PRO A 134 -5.25 0.58 4.50
N ASP A 135 -4.39 0.24 5.76
N ASP A 135 -4.65 0.61 5.67
CA ASP A 135 -4.61 0.95 7.03
CA ASP A 135 -5.10 1.43 6.79
C ASP A 135 -5.73 0.38 7.88
C ASP A 135 -6.53 1.06 7.19
N SER A 136 -6.68 -0.32 7.28
N SER A 136 -6.70 -0.21 7.50
CA SER A 136 -7.91 -0.66 7.98
CA SER A 136 -8.00 -0.76 7.92
C SER A 136 -7.65 -1.54 9.21
C SER A 136 -7.84 -1.64 9.15
N LEU A 137 -7.11 -2.75 9.00
CA LEU A 137 -6.89 -3.65 10.11
C LEU A 137 -5.88 -3.08 11.10
N ALA A 138 -4.87 -2.35 10.62
CA ALA A 138 -3.91 -1.75 11.54
C ALA A 138 -4.59 -0.77 12.48
N ASN A 139 -5.56 -0.02 11.96
CA ASN A 139 -6.34 0.87 12.82
C ASN A 139 -7.15 0.09 13.85
N LEU A 140 -7.62 -1.11 13.50
CA LEU A 140 -8.35 -1.88 14.49
C LEU A 140 -7.44 -2.49 15.54
N VAL A 141 -6.15 -2.62 15.26
CA VAL A 141 -5.23 -3.11 16.29
C VAL A 141 -4.94 -2.02 17.32
N THR A 142 -4.55 -0.83 16.86
CA THR A 142 -4.03 0.18 17.78
C THR A 142 -4.95 1.37 18.01
N ASN A 143 -5.97 1.59 17.17
N ASN A 143 -5.98 1.58 17.20
CA ASN A 143 -6.72 2.85 17.16
CA ASN A 143 -6.69 2.85 17.27
C ASN A 143 -8.18 2.71 17.58
C ASN A 143 -8.18 2.70 17.58
N LEU A 144 -8.53 1.70 18.38
CA LEU A 144 -9.93 1.52 18.76
C LEU A 144 -10.43 2.62 19.69
N ASN A 145 -9.54 3.42 20.27
CA ASN A 145 -9.99 4.57 21.03
CA ASN A 145 -9.96 4.59 21.03
C ASN A 145 -10.41 5.73 20.13
N VAL A 146 -10.02 5.71 18.85
CA VAL A 146 -10.50 6.70 17.90
C VAL A 146 -11.95 6.36 17.58
N GLN A 147 -12.87 7.28 17.87
CA GLN A 147 -14.28 6.90 17.84
C GLN A 147 -14.74 6.51 16.43
N LYS A 148 -14.23 7.17 15.40
CA LYS A 148 -14.60 6.77 14.04
C LYS A 148 -14.16 5.35 13.76
N CYS A 149 -12.97 4.97 14.23
CA CYS A 149 -12.52 3.58 14.07
C CYS A 149 -13.38 2.63 14.89
N ALA A 150 -13.62 2.97 16.16
CA ALA A 150 -14.45 2.09 16.98
C ALA A 150 -15.83 1.90 16.37
N ASN A 151 -16.42 2.97 15.87
CA ASN A 151 -17.74 2.90 15.25
C ASN A 151 -17.71 2.13 13.94
N ALA A 152 -16.55 2.05 13.28
CA ALA A 152 -16.38 1.37 12.00
C ALA A 152 -15.94 -0.08 12.16
N LYS A 153 -15.61 -0.52 13.37
CA LYS A 153 -14.95 -1.81 13.54
C LYS A 153 -15.74 -2.96 12.94
N THR A 154 -17.04 -3.06 13.27
CA THR A 154 -17.79 -4.19 12.75
C THR A 154 -17.90 -4.12 11.24
N THR A 155 -18.05 -2.91 10.70
CA THR A 155 -18.17 -2.74 9.25
C THR A 155 -16.86 -3.09 8.55
N TYR A 156 -15.73 -2.65 9.11
CA TYR A 156 -14.43 -3.01 8.55
C TYR A 156 -14.25 -4.53 8.54
N LEU A 157 -14.53 -5.18 9.68
CA LEU A 157 -14.31 -6.62 9.76
C LEU A 157 -15.24 -7.36 8.80
N ALA A 158 -16.50 -6.92 8.72
CA ALA A 158 -17.43 -7.57 7.81
C ALA A 158 -17.00 -7.38 6.37
N SER A 159 -16.59 -6.16 6.03
CA SER A 159 -16.27 -5.81 4.65
C SER A 159 -14.98 -6.49 4.21
N VAL A 160 -13.94 -6.44 5.05
CA VAL A 160 -12.71 -7.15 4.74
C VAL A 160 -12.98 -8.65 4.59
N ASN A 161 -13.79 -9.22 5.49
CA ASN A 161 -14.13 -10.62 5.36
C ASN A 161 -14.86 -10.91 4.05
N TYR A 162 -15.78 -10.02 3.66
CA TYR A 162 -16.51 -10.22 2.41
C TYR A 162 -15.56 -10.19 1.22
N ALA A 163 -14.60 -9.27 1.24
CA ALA A 163 -13.62 -9.18 0.17
C ALA A 163 -12.78 -10.45 0.09
N LEU A 164 -12.23 -10.87 1.24
CA LEU A 164 -11.37 -12.05 1.25
C LEU A 164 -12.15 -13.28 0.79
N THR A 165 -13.35 -13.46 1.33
CA THR A 165 -14.13 -14.66 1.05
C THR A 165 -14.51 -14.73 -0.42
N ASN A 166 -14.91 -13.60 -1.01
CA ASN A 166 -15.39 -13.62 -2.37
C ASN A 166 -14.29 -13.52 -3.41
N LEU A 167 -13.22 -12.79 -3.13
CA LEU A 167 -12.10 -12.79 -4.07
C LEU A 167 -11.41 -14.15 -4.11
N ALA A 168 -11.42 -14.88 -2.99
CA ALA A 168 -10.90 -16.24 -2.98
C ALA A 168 -11.63 -17.16 -3.96
N LYS A 169 -12.93 -16.93 -4.18
CA LYS A 169 -13.70 -17.80 -5.07
C LYS A 169 -13.26 -17.67 -6.52
N VAL A 170 -12.63 -16.58 -6.90
CA VAL A 170 -12.10 -16.39 -8.24
C VAL A 170 -10.58 -16.44 -8.23
N GLY A 171 -9.99 -16.99 -7.18
CA GLY A 171 -8.60 -17.37 -7.20
C GLY A 171 -7.61 -16.24 -7.06
N VAL A 172 -8.01 -15.13 -6.45
CA VAL A 172 -7.14 -13.96 -6.28
C VAL A 172 -6.19 -14.22 -5.12
N TYR A 173 -4.91 -13.99 -5.33
CA TYR A 173 -3.93 -14.08 -4.25
C TYR A 173 -3.92 -12.77 -3.50
N MET A 174 -3.98 -12.85 -2.17
N MET A 174 -4.09 -12.83 -2.18
CA MET A 174 -4.28 -11.68 -1.37
CA MET A 174 -4.27 -11.61 -1.41
C MET A 174 -3.27 -11.51 -0.25
C MET A 174 -3.24 -11.49 -0.29
N TYR A 175 -2.85 -10.24 -0.04
CA TYR A 175 -2.04 -9.85 1.09
C TYR A 175 -2.82 -8.78 1.86
N MET A 176 -3.20 -9.07 3.10
CA MET A 176 -3.91 -8.10 3.92
CA MET A 176 -3.92 -8.08 3.88
C MET A 176 -2.95 -6.99 4.32
N ASP A 177 -3.39 -5.75 4.22
CA ASP A 177 -2.51 -4.70 4.70
C ASP A 177 -2.23 -4.85 6.19
N ALA A 178 -0.99 -4.60 6.58
CA ALA A 178 -0.55 -4.80 7.95
C ALA A 178 0.33 -3.64 8.43
N GLY A 179 0.03 -2.42 8.00
CA GLY A 179 0.78 -1.29 8.54
C GLY A 179 2.27 -1.37 8.20
N HIS A 180 3.11 -0.98 9.15
CA HIS A 180 4.55 -0.97 8.94
C HIS A 180 5.23 -1.10 10.29
N ALA A 181 6.57 -1.07 10.28
CA ALA A 181 7.32 -1.35 11.51
C ALA A 181 7.05 -0.31 12.60
N GLY A 182 6.80 0.93 12.20
CA GLY A 182 6.50 1.98 13.16
C GLY A 182 5.07 2.00 13.63
N TRP A 183 4.22 1.13 13.10
CA TRP A 183 2.82 1.02 13.48
C TRP A 183 2.57 -0.26 14.25
N LEU A 184 2.63 -1.41 13.59
CA LEU A 184 2.40 -2.68 14.26
C LEU A 184 3.68 -3.41 14.64
N GLY A 185 4.85 -2.88 14.25
CA GLY A 185 6.11 -3.55 14.51
C GLY A 185 6.66 -3.38 15.91
N TRP A 186 6.17 -2.41 16.67
CA TRP A 186 6.48 -2.32 18.09
C TRP A 186 6.28 -3.69 18.72
N PRO A 187 7.28 -4.23 19.43
CA PRO A 187 7.13 -5.57 20.03
C PRO A 187 5.80 -5.75 20.75
N ALA A 188 5.34 -4.71 21.45
CA ALA A 188 4.08 -4.81 22.18
C ALA A 188 2.87 -4.92 21.27
N ASN A 189 2.95 -4.43 20.03
CA ASN A 189 1.80 -4.55 19.12
C ASN A 189 1.82 -5.84 18.32
N LEU A 190 2.94 -6.58 18.33
CA LEU A 190 3.06 -7.74 17.45
C LEU A 190 1.97 -8.76 17.74
N SER A 191 1.80 -9.13 19.00
CA SER A 191 0.81 -10.15 19.34
C SER A 191 -0.62 -9.68 19.12
N PRO A 192 -1.03 -8.47 19.54
CA PRO A 192 -2.37 -8.00 19.17
C PRO A 192 -2.60 -8.05 17.67
N ALA A 193 -1.59 -7.68 16.88
CA ALA A 193 -1.71 -7.71 15.43
C ALA A 193 -1.88 -9.14 14.94
N ALA A 194 -1.01 -10.05 15.39
CA ALA A 194 -1.11 -11.44 14.98
C ALA A 194 -2.46 -12.03 15.32
N GLN A 195 -2.98 -11.72 16.53
CA GLN A 195 -4.28 -12.26 16.92
C GLN A 195 -5.39 -11.76 16.00
N LEU A 196 -5.34 -10.49 15.61
CA LEU A 196 -6.39 -9.98 14.73
C LEU A 196 -6.26 -10.59 13.33
N PHE A 197 -5.04 -10.61 12.77
CA PHE A 197 -4.87 -11.14 11.43
C PHE A 197 -5.26 -12.60 11.37
N THR A 198 -4.91 -13.37 12.42
CA THR A 198 -5.25 -14.79 12.44
C THR A 198 -6.76 -14.97 12.50
N GLN A 199 -7.45 -14.16 13.30
N GLN A 199 -7.44 -14.14 13.28
CA GLN A 199 -8.89 -14.23 13.37
CA GLN A 199 -8.89 -14.24 13.36
C GLN A 199 -9.53 -13.93 12.02
C GLN A 199 -9.56 -13.89 12.04
N VAL A 200 -9.03 -12.88 11.34
CA VAL A 200 -9.55 -12.53 10.02
C VAL A 200 -9.31 -13.66 9.05
N TRP A 201 -8.12 -14.24 9.08
CA TRP A 201 -7.77 -15.36 8.20
C TRP A 201 -8.68 -16.55 8.48
N GLN A 202 -8.93 -16.86 9.76
N GLN A 202 -8.91 -16.88 9.75
CA GLN A 202 -9.86 -17.94 10.11
CA GLN A 202 -9.76 -18.04 10.06
C GLN A 202 -11.28 -17.62 9.67
C GLN A 202 -11.22 -17.77 9.72
N ASN A 203 -11.72 -16.36 9.84
N ASN A 203 -11.69 -16.53 9.90
CA ASN A 203 -13.08 -16.03 9.46
CA ASN A 203 -13.04 -16.19 9.45
C ASN A 203 -13.30 -16.19 7.96
C ASN A 203 -13.20 -16.46 7.97
N ALA A 204 -12.24 -16.01 7.16
CA ALA A 204 -12.30 -16.21 5.72
C ALA A 204 -11.91 -17.63 5.29
N GLY A 205 -11.91 -18.59 6.24
CA GLY A 205 -11.74 -19.99 5.93
C GLY A 205 -10.32 -20.46 5.72
N LYS A 206 -9.32 -19.72 6.17
CA LYS A 206 -7.92 -20.10 5.99
C LYS A 206 -7.58 -20.36 4.53
N SER A 207 -8.20 -19.61 3.63
CA SER A 207 -8.07 -19.90 2.22
C SER A 207 -6.59 -19.89 1.83
N PRO A 208 -6.13 -20.86 1.04
CA PRO A 208 -4.76 -20.81 0.53
C PRO A 208 -4.46 -19.55 -0.27
N PHE A 209 -5.49 -18.89 -0.79
CA PHE A 209 -5.27 -17.66 -1.55
C PHE A 209 -4.93 -16.47 -0.65
N ILE A 210 -5.22 -16.55 0.64
CA ILE A 210 -4.81 -15.50 1.58
C ILE A 210 -3.37 -15.80 1.97
N LYS A 211 -2.44 -15.24 1.20
CA LYS A 211 -1.03 -15.60 1.32
C LYS A 211 -0.41 -15.02 2.58
N GLY A 212 -0.85 -13.83 2.99
CA GLY A 212 -0.20 -13.18 4.10
C GLY A 212 -0.51 -11.72 4.16
N LEU A 213 0.53 -10.90 4.35
CA LEU A 213 0.37 -9.50 4.72
C LEU A 213 1.24 -8.62 3.85
N ALA A 214 0.80 -7.38 3.66
CA ALA A 214 1.57 -6.36 2.98
C ALA A 214 2.01 -5.34 4.03
N THR A 215 3.24 -4.86 3.90
CA THR A 215 3.74 -3.86 4.84
C THR A 215 4.35 -2.66 4.13
N ASN A 216 4.40 -1.56 4.85
CA ASN A 216 5.00 -0.30 4.40
C ASN A 216 4.22 0.35 3.26
N VAL A 217 2.97 -0.07 3.03
CA VAL A 217 2.20 0.51 1.92
C VAL A 217 2.01 2.00 2.15
N ALA A 218 2.36 2.78 1.14
CA ALA A 218 2.29 4.23 1.21
C ALA A 218 3.19 4.83 2.29
N ASN A 219 4.15 4.06 2.79
CA ASN A 219 5.10 4.59 3.77
C ASN A 219 6.50 4.62 3.16
N TYR A 220 7.50 4.82 4.03
CA TYR A 220 8.84 5.22 3.59
C TYR A 220 9.93 4.45 4.31
N ASN A 221 9.58 3.45 5.10
CA ASN A 221 10.56 2.78 5.91
C ASN A 221 11.55 2.03 5.01
N ALA A 222 12.77 1.87 5.50
CA ALA A 222 13.70 0.97 4.87
C ALA A 222 13.22 -0.45 5.06
N LEU A 223 13.53 -1.31 4.08
CA LEU A 223 13.40 -2.74 4.30
C LEU A 223 14.50 -3.22 5.24
N GLN A 224 15.74 -2.87 4.94
CA GLN A 224 16.89 -3.18 5.78
C GLN A 224 17.70 -1.90 5.90
N ALA A 225 17.64 -1.28 7.07
CA ALA A 225 18.33 -0.02 7.28
C ALA A 225 19.81 -0.27 7.53
N ALA A 226 20.65 0.56 6.91
CA ALA A 226 22.06 0.58 7.27
C ALA A 226 22.22 0.93 8.74
N SER A 227 21.71 2.09 9.13
N SER A 227 21.71 2.11 9.12
CA SER A 227 21.63 2.41 10.55
CA SER A 227 21.73 2.65 10.47
C SER A 227 20.18 2.70 10.91
C SER A 227 20.44 3.42 10.69
N PRO A 228 19.74 2.35 12.12
N PRO A 228 19.92 3.45 11.92
CA PRO A 228 18.36 2.66 12.50
CA PRO A 228 18.53 3.89 12.13
C PRO A 228 18.07 4.14 12.36
C PRO A 228 18.26 5.33 11.68
N ASP A 229 17.01 4.45 11.62
N ASP A 229 17.00 5.55 11.29
CA ASP A 229 16.55 5.82 11.50
CA ASP A 229 16.46 6.88 11.02
C ASP A 229 16.30 6.36 12.91
C ASP A 229 16.16 7.55 12.37
N PRO A 230 16.75 7.59 13.22
N PRO A 230 16.53 8.81 12.56
CA PRO A 230 16.53 8.13 14.58
CA PRO A 230 16.28 9.47 13.86
C PRO A 230 15.08 8.12 15.02
C PRO A 230 14.86 9.37 14.37
N ILE A 231 14.15 8.14 14.06
N ILE A 231 13.87 9.27 13.48
CA ILE A 231 12.73 8.17 14.38
CA ILE A 231 12.48 9.13 13.93
C ILE A 231 12.25 6.91 15.08
C ILE A 231 12.25 7.83 14.67
N THR A 232 13.02 5.82 15.04
N THR A 232 13.15 6.86 14.51
CA THR A 232 12.58 4.53 15.53
CA THR A 232 13.09 5.63 15.27
C THR A 232 12.90 4.29 17.00
C THR A 232 13.89 5.85 16.54
N GLN A 233 13.39 5.30 17.73
N GLN A 233 13.25 5.65 17.69
CA GLN A 233 13.78 5.14 19.12
CA GLN A 233 13.94 5.66 18.97
C GLN A 233 12.66 4.49 19.93
C GLN A 233 13.02 4.94 19.94
N GLY A 234 13.03 3.49 20.73
N GLY A 234 13.57 3.95 20.64
CA GLY A 234 12.09 2.76 21.56
CA GLY A 234 12.77 3.07 21.47
C GLY A 234 11.57 1.48 20.95
C GLY A 234 12.10 1.94 20.73
N ASN A 235 11.81 1.26 19.65
N ASN A 235 12.00 2.03 19.40
CA ASN A 235 11.31 0.10 18.91
CA ASN A 235 11.58 0.92 18.56
C ASN A 235 12.51 -0.66 18.35
C ASN A 235 12.80 0.19 18.04
N PRO A 236 12.82 -1.86 18.85
N PRO A 236 13.18 -0.96 18.61
CA PRO A 236 13.93 -2.64 18.27
CA PRO A 236 14.26 -1.75 18.01
C PRO A 236 13.68 -3.08 16.85
C PRO A 236 13.91 -2.25 16.63
N ASN A 237 12.44 -2.99 16.36
N ASN A 237 12.63 -2.23 16.27
CA ASN A 237 12.11 -3.38 15.00
CA ASN A 237 12.17 -2.62 14.95
C ASN A 237 12.03 -2.11 14.15
C ASN A 237 12.15 -1.37 14.07
N TYR A 238 13.20 -1.61 13.74
N TYR A 238 13.36 -0.92 13.73
CA TYR A 238 13.39 -0.25 13.22
CA TYR A 238 13.47 0.27 12.92
C TYR A 238 13.28 -0.15 11.69
C TYR A 238 13.24 -0.01 11.45
N ASP A 239 13.06 -1.26 11.02
CA ASP A 239 12.89 -1.43 9.59
C ASP A 239 11.91 -2.55 9.34
N GLU A 240 11.53 -2.70 8.08
CA GLU A 240 10.49 -3.68 7.77
C GLU A 240 10.97 -5.10 7.98
N ILE A 241 12.25 -5.38 7.73
CA ILE A 241 12.74 -6.74 7.91
C ILE A 241 12.64 -7.17 9.38
N HIS A 242 12.97 -6.27 10.31
CA HIS A 242 12.83 -6.61 11.72
C HIS A 242 11.37 -6.87 12.10
N TYR A 243 10.47 -6.00 11.63
CA TYR A 243 9.04 -6.19 11.89
C TYR A 243 8.56 -7.54 11.39
N ILE A 244 8.89 -7.87 10.13
CA ILE A 244 8.40 -9.11 9.54
C ILE A 244 8.99 -10.32 10.24
N ASN A 245 10.31 -10.30 10.50
CA ASN A 245 10.96 -11.40 11.22
C ASN A 245 10.33 -11.65 12.58
N ALA A 246 9.82 -10.60 13.21
CA ALA A 246 9.22 -10.73 14.53
C ALA A 246 7.76 -11.14 14.47
N LEU A 247 7.04 -10.71 13.45
CA LEU A 247 5.61 -11.02 13.37
C LEU A 247 5.35 -12.40 12.76
N ALA A 248 6.06 -12.76 11.70
CA ALA A 248 5.79 -14.02 11.02
C ALA A 248 5.75 -15.25 11.93
N PRO A 249 6.70 -15.45 12.86
CA PRO A 249 6.60 -16.63 13.73
C PRO A 249 5.30 -16.70 14.53
N LEU A 250 4.77 -15.56 14.97
CA LEU A 250 3.50 -15.58 15.69
C LEU A 250 2.38 -16.10 14.80
N LEU A 251 2.39 -15.72 13.52
CA LEU A 251 1.37 -16.26 12.61
C LEU A 251 1.55 -17.76 12.41
N GLN A 252 2.79 -18.21 12.24
CA GLN A 252 3.04 -19.63 12.04
C GLN A 252 2.55 -20.46 13.22
N GLN A 253 2.78 -19.98 14.44
CA GLN A 253 2.34 -20.72 15.62
C GLN A 253 0.82 -20.81 15.66
N ALA A 254 0.12 -19.76 15.24
CA ALA A 254 -1.33 -19.80 15.16
C ALA A 254 -1.84 -20.66 14.01
N GLY A 255 -0.95 -21.23 13.20
CA GLY A 255 -1.34 -22.12 12.13
C GLY A 255 -1.22 -21.53 10.73
N TRP A 256 -0.80 -20.28 10.58
CA TRP A 256 -0.79 -19.61 9.28
C TRP A 256 0.65 -19.36 8.86
N ASP A 257 1.09 -20.08 7.82
N ASP A 257 1.12 -20.10 7.86
CA ASP A 257 2.43 -19.92 7.25
CA ASP A 257 2.47 -19.90 7.33
C ASP A 257 2.44 -18.71 6.32
C ASP A 257 2.45 -18.72 6.35
N ALA A 258 2.28 -17.54 6.92
CA ALA A 258 2.06 -16.34 6.15
C ALA A 258 3.34 -15.81 5.51
N THR A 259 3.21 -15.29 4.29
CA THR A 259 4.32 -14.60 3.65
C THR A 259 3.91 -13.16 3.41
N PHE A 260 4.88 -12.36 2.99
CA PHE A 260 4.74 -10.92 3.03
C PHE A 260 5.17 -10.28 1.73
N ILE A 261 4.60 -9.11 1.43
CA ILE A 261 5.15 -8.22 0.42
C ILE A 261 5.41 -6.88 1.08
N VAL A 262 6.42 -6.16 0.60
CA VAL A 262 6.87 -4.92 1.24
C VAL A 262 6.96 -3.82 0.20
N ASP A 263 6.24 -2.74 0.41
CA ASP A 263 6.33 -1.58 -0.44
C ASP A 263 7.68 -0.89 -0.23
N GLN A 264 8.41 -0.63 -1.32
CA GLN A 264 9.62 0.17 -1.27
C GLN A 264 9.58 1.31 -2.28
N GLY A 265 8.41 1.61 -2.84
CA GLY A 265 8.31 2.58 -3.90
C GLY A 265 8.73 3.99 -3.53
N ARG A 266 8.66 4.36 -2.25
CA ARG A 266 9.11 5.68 -1.81
C ARG A 266 10.12 5.57 -0.67
N SER A 267 10.94 4.53 -0.68
N SER A 267 10.96 4.52 -0.70
CA SER A 267 11.90 4.34 0.38
CA SER A 267 11.85 4.19 0.41
C SER A 267 13.32 4.74 0.00
C SER A 267 13.33 4.13 0.02
N GLY A 268 13.53 5.32 -1.18
N GLY A 268 13.69 4.68 -1.14
CA GLY A 268 14.89 5.52 -1.67
CA GLY A 268 15.09 4.71 -1.53
C GLY A 268 15.70 6.51 -0.83
C GLY A 268 15.95 5.62 -0.68
N VAL A 269 15.04 7.49 -0.24
N VAL A 269 15.33 6.55 0.04
CA VAL A 269 15.68 8.49 0.60
CA VAL A 269 16.04 7.53 0.84
C VAL A 269 15.20 8.28 2.03
C VAL A 269 15.59 7.35 2.29
N GLN A 270 16.13 7.99 2.93
N GLN A 270 16.52 6.96 3.15
CA GLN A 270 15.84 7.84 4.33
CA GLN A 270 16.24 6.77 4.57
C GLN A 270 16.14 9.15 5.05
C GLN A 270 16.63 8.02 5.35
N ASN A 271 15.77 9.21 6.32
N ASN A 271 16.23 8.04 6.62
CA ASN A 271 16.06 10.36 7.16
CA ASN A 271 16.58 9.12 7.55
C ASN A 271 15.43 11.64 6.61
C ASN A 271 16.16 10.51 7.05
N ILE A 272 14.20 11.52 6.11
N ILE A 272 14.87 10.62 6.69
CA ILE A 272 13.43 12.65 5.62
CA ILE A 272 14.33 11.87 6.16
C ILE A 272 12.34 13.06 6.59
C ILE A 272 12.92 12.13 6.68
N ARG A 273 12.19 12.33 7.70
N ARG A 273 12.77 12.16 8.00
CA ARG A 273 11.09 12.50 8.62
CA ARG A 273 11.51 12.57 8.61
C ARG A 273 11.58 12.99 9.98
C ARG A 273 11.83 13.20 9.97
N GLN A 274 10.89 13.99 10.50
CA GLN A 274 11.13 14.47 11.86
C GLN A 274 10.59 13.50 12.90
N GLN A 275 9.44 12.87 12.61
N GLN A 275 9.43 12.90 12.63
CA GLN A 275 8.82 11.92 13.51
CA GLN A 275 8.81 11.92 13.49
C GLN A 275 8.31 10.74 12.70
C GLN A 275 8.45 10.68 12.67
N TRP A 276 8.41 9.53 13.27
N TRP A 276 8.11 9.61 13.36
CA TRP A 276 8.04 8.33 12.53
CA TRP A 276 7.71 8.37 12.70
C TRP A 276 6.63 8.42 11.97
C TRP A 276 6.21 8.32 12.43
N GLY A 277 5.72 9.01 12.73
N GLY A 277 5.52 9.45 12.53
CA GLY A 277 4.34 9.12 12.33
CA GLY A 277 4.08 9.48 12.33
C GLY A 277 4.04 10.17 11.28
C GLY A 277 3.65 10.38 11.18
N ASP A 278 5.07 10.84 10.74
N ASP A 278 4.58 11.14 10.62
CA ASP A 278 4.86 11.79 9.66
CA ASP A 278 4.27 12.01 9.49
C ASP A 278 4.74 10.99 8.37
C ASP A 278 4.32 11.18 8.20
N TRP A 279 3.51 10.79 7.88
N TRP A 279 3.19 11.14 7.48
CA TRP A 279 3.26 9.90 6.75
CA TRP A 279 3.08 10.28 6.31
C TRP A 279 2.94 10.61 5.45
C TRP A 279 2.63 10.98 5.03
N CYS A 280 2.75 11.94 5.45
N CYS A 280 2.12 12.22 5.10
CA CYS A 280 2.10 12.62 4.34
CA CYS A 280 1.74 12.93 3.89
C CYS A 280 3.08 13.37 3.46
C CYS A 280 2.98 13.41 3.14
N ASN A 281 3.20 12.94 2.20
N ASN A 281 3.01 13.14 1.84
CA ASN A 281 3.93 13.66 1.15
CA ASN A 281 4.04 13.59 0.88
C ASN A 281 5.33 14.05 1.60
C ASN A 281 5.35 14.03 1.53
N ILE A 282 6.06 13.11 2.18
CA ILE A 282 7.30 13.45 2.86
C ILE A 282 8.30 14.01 1.88
N LYS A 283 8.75 15.25 2.14
CA LYS A 283 9.61 15.98 1.23
C LYS A 283 10.93 15.27 1.03
N GLY A 284 11.38 15.22 -0.21
CA GLY A 284 12.67 14.65 -0.52
C GLY A 284 12.71 13.15 -0.67
N ALA A 285 11.57 12.48 -0.69
CA ALA A 285 11.56 11.04 -0.88
C ALA A 285 12.03 10.69 -2.30
N GLY A 286 12.63 9.51 -2.44
CA GLY A 286 12.99 9.01 -3.75
C GLY A 286 12.47 7.59 -3.95
N PHE A 287 12.31 7.22 -5.23
CA PHE A 287 11.95 5.84 -5.55
C PHE A 287 12.98 4.90 -4.95
N GLY A 288 12.51 3.79 -4.42
CA GLY A 288 13.37 2.84 -3.75
C GLY A 288 13.65 1.61 -4.57
N THR A 289 14.00 0.54 -3.86
CA THR A 289 14.38 -0.73 -4.46
C THR A 289 13.29 -1.22 -5.42
N ARG A 290 13.70 -1.59 -6.63
N ARG A 290 13.70 -1.58 -6.63
CA ARG A 290 12.76 -2.04 -7.63
CA ARG A 290 12.72 -1.99 -7.62
C ARG A 290 12.09 -3.35 -7.19
C ARG A 290 12.11 -3.34 -7.23
N PRO A 291 10.86 -3.58 -7.62
CA PRO A 291 10.20 -4.84 -7.27
C PRO A 291 11.02 -6.04 -7.68
N THR A 292 11.02 -7.05 -6.83
CA THR A 292 11.79 -8.26 -7.05
C THR A 292 11.34 -9.33 -6.07
N THR A 293 11.36 -10.58 -6.52
CA THR A 293 11.17 -11.72 -5.63
C THR A 293 12.46 -12.17 -4.97
N ASN A 294 13.58 -11.53 -5.26
CA ASN A 294 14.85 -11.81 -4.61
C ASN A 294 14.92 -10.89 -3.39
N THR A 295 14.27 -11.32 -2.31
CA THR A 295 13.95 -10.46 -1.17
C THR A 295 14.92 -10.61 -0.01
N GLY A 296 15.71 -11.67 0.02
CA GLY A 296 16.62 -11.92 1.12
C GLY A 296 15.96 -12.38 2.40
N SER A 297 14.69 -12.76 2.38
CA SER A 297 14.00 -13.18 3.59
C SER A 297 13.07 -14.35 3.31
N GLN A 298 13.12 -15.37 4.18
CA GLN A 298 12.24 -16.51 4.05
C GLN A 298 10.76 -16.11 4.08
N PHE A 299 10.43 -14.97 4.67
CA PHE A 299 9.05 -14.56 4.86
C PHE A 299 8.53 -13.65 3.76
N ILE A 300 9.38 -13.17 2.86
CA ILE A 300 8.99 -12.10 1.93
C ILE A 300 8.93 -12.66 0.52
N ASP A 301 7.72 -12.69 -0.04
CA ASP A 301 7.52 -13.15 -1.41
C ASP A 301 8.04 -12.13 -2.42
N SER A 302 7.87 -10.85 -2.13
CA SER A 302 8.29 -9.85 -3.10
C SER A 302 8.45 -8.50 -2.42
N ILE A 303 9.47 -7.77 -2.87
CA ILE A 303 9.49 -6.32 -2.75
C ILE A 303 8.60 -5.79 -3.87
N VAL A 304 7.77 -4.79 -3.55
CA VAL A 304 6.75 -4.30 -4.48
C VAL A 304 6.70 -2.79 -4.42
N TRP A 305 6.05 -2.18 -5.40
CA TRP A 305 5.71 -0.77 -5.36
C TRP A 305 4.19 -0.71 -5.32
N VAL A 306 3.64 -0.45 -4.13
CA VAL A 306 2.19 -0.47 -3.97
C VAL A 306 1.65 0.94 -4.14
N LYS A 307 2.04 1.87 -3.26
CA LYS A 307 1.68 3.27 -3.44
C LYS A 307 2.39 3.80 -4.68
N PRO A 308 1.67 4.36 -5.65
CA PRO A 308 2.34 4.82 -6.89
C PRO A 308 2.93 6.20 -6.64
N GLY A 309 4.26 6.27 -6.63
CA GLY A 309 4.92 7.52 -6.33
C GLY A 309 4.56 8.63 -7.31
N GLY A 310 4.19 9.79 -6.78
CA GLY A 310 3.67 10.88 -7.56
C GLY A 310 2.20 11.17 -7.28
N GLU A 311 1.46 10.18 -6.81
CA GLU A 311 0.09 10.38 -6.39
C GLU A 311 0.09 10.85 -4.94
N SER A 312 -0.58 11.99 -4.68
CA SER A 312 -0.52 12.64 -3.37
C SER A 312 -1.10 11.75 -2.27
N ASP A 313 -0.60 11.93 -1.05
CA ASP A 313 -1.16 11.30 0.14
C ASP A 313 -2.25 12.14 0.79
N GLY A 314 -2.42 13.39 0.36
CA GLY A 314 -3.38 14.25 1.03
C GLY A 314 -3.14 15.71 0.75
N THR A 315 -4.21 16.50 0.78
CA THR A 315 -4.13 17.92 0.49
C THR A 315 -3.55 18.67 1.69
N SER A 316 -2.78 19.72 1.38
CA SER A 316 -2.32 20.64 2.40
C SER A 316 -3.26 21.84 2.56
N ASN A 317 -4.38 21.85 1.85
CA ASN A 317 -5.31 22.98 1.87
C ASN A 317 -6.21 22.79 3.07
N SER A 318 -6.05 23.65 4.08
CA SER A 318 -6.81 23.52 5.32
C SER A 318 -8.30 23.82 5.14
N SER A 319 -8.72 24.26 3.95
CA SER A 319 -10.12 24.50 3.67
C SER A 319 -10.83 23.28 3.11
N SER A 320 -10.09 22.21 2.77
CA SER A 320 -10.74 21.04 2.21
C SER A 320 -11.31 20.17 3.32
N PRO A 321 -12.43 19.48 3.05
CA PRO A 321 -12.99 18.56 4.05
C PRO A 321 -12.07 17.38 4.33
N ARG A 322 -11.04 17.16 3.52
CA ARG A 322 -10.09 16.09 3.74
C ARG A 322 -8.74 16.59 4.26
N TYR A 323 -8.71 17.77 4.85
CA TYR A 323 -7.44 18.29 5.35
C TYR A 323 -7.03 17.56 6.62
N ASP A 324 -5.81 17.03 6.62
CA ASP A 324 -5.18 16.44 7.78
C ASP A 324 -3.91 17.24 8.06
N SER A 325 -3.73 17.66 9.31
N SER A 325 -3.78 17.72 9.30
CA SER A 325 -2.58 18.49 9.64
CA SER A 325 -2.66 18.59 9.65
C SER A 325 -1.24 17.76 9.49
C SER A 325 -1.31 17.97 9.31
N THR A 326 -1.24 16.43 9.44
N THR A 326 -1.27 16.64 9.17
CA THR A 326 0.00 15.71 9.12
CA THR A 326 -0.03 15.98 8.74
C THR A 326 0.59 16.18 7.80
C THR A 326 0.43 16.47 7.37
N CYS A 327 -0.26 16.63 6.88
N CYS A 327 -0.50 16.83 6.49
CA CYS A 327 0.13 17.09 5.56
CA CYS A 327 -0.13 17.26 5.15
C CYS A 327 0.60 18.54 5.52
C CYS A 327 0.46 18.67 5.11
N SER A 328 0.74 19.19 6.67
N SER A 328 0.14 19.53 6.05
CA SER A 328 1.34 20.51 6.77
CA SER A 328 0.72 20.86 6.15
C SER A 328 2.57 20.53 7.68
C SER A 328 1.92 20.92 7.09
N LEU A 329 3.07 19.37 8.08
N LEU A 329 2.46 19.77 7.47
CA LEU A 329 4.24 19.29 8.93
CA LEU A 329 3.56 19.71 8.41
C LEU A 329 5.48 19.80 8.18
C LEU A 329 4.85 20.17 7.74
N PRO A 330 6.51 20.27 8.89
N PRO A 330 5.92 20.45 8.52
CA PRO A 330 7.69 20.83 8.22
CA PRO A 330 7.21 20.83 7.94
C PRO A 330 8.30 19.89 7.20
C PRO A 330 7.76 19.85 6.91
N ASP A 331 8.04 18.59 7.33
CA ASP A 331 8.59 17.59 6.42
C ASP A 331 7.61 17.13 5.33
N ALA A 332 6.45 17.75 5.19
CA ALA A 332 5.49 17.43 4.14
C ALA A 332 5.66 18.42 3.01
N ALA A 333 5.68 17.92 1.78
CA ALA A 333 5.79 18.80 0.62
C ALA A 333 4.51 19.61 0.47
N GLN A 334 4.65 20.93 0.36
N GLN A 334 4.65 20.93 0.41
CA GLN A 334 3.52 21.83 0.28
CA GLN A 334 3.50 21.81 0.24
C GLN A 334 3.79 22.90 -0.77
C GLN A 334 3.77 22.80 -0.87
N PRO A 335 2.76 23.34 -1.50
N PRO A 335 2.74 23.19 -1.65
CA PRO A 335 1.37 22.88 -1.39
CA PRO A 335 1.38 22.66 -1.54
C PRO A 335 1.16 21.51 -2.05
C PRO A 335 1.20 21.36 -2.34
N ALA A 336 0.30 20.69 -1.45
N ALA A 336 0.05 20.72 -2.20
CA ALA A 336 0.02 19.36 -1.97
CA ALA A 336 -0.21 19.41 -2.75
C ALA A 336 -1.44 19.25 -2.36
C ALA A 336 -1.67 19.32 -3.14
N PRO A 337 -1.74 18.49 -3.43
N PRO A 337 -2.01 18.51 -4.15
CA PRO A 337 -3.13 18.34 -3.84
CA PRO A 337 -3.42 18.30 -4.47
C PRO A 337 -3.84 17.19 -3.14
C PRO A 337 -4.02 17.17 -3.64
N GLU A 338 -5.12 17.03 -3.45
N GLU A 338 -5.33 16.94 -3.78
CA GLU A 338 -5.95 16.00 -2.84
CA GLU A 338 -6.02 15.97 -2.93
C GLU A 338 -5.34 14.62 -2.98
C GLU A 338 -5.38 14.58 -3.03
N ALA A 339 -5.51 13.80 -1.95
CA ALA A 339 -4.98 12.43 -1.96
C ALA A 339 -5.43 11.68 -3.20
N GLY A 340 -4.49 10.97 -3.80
CA GLY A 340 -4.77 10.20 -4.99
C GLY A 340 -4.60 10.96 -6.30
N THR A 341 -4.48 12.28 -6.26
CA THR A 341 -4.29 13.03 -7.49
C THR A 341 -2.80 13.29 -7.73
N TRP A 342 -2.48 13.65 -8.96
CA TRP A 342 -1.08 13.75 -9.37
C TRP A 342 -0.39 14.97 -8.76
N PHE A 343 0.82 14.77 -8.24
CA PHE A 343 1.64 15.78 -7.57
C PHE A 343 2.96 15.84 -8.36
N GLN A 344 2.99 16.66 -9.41
CA GLN A 344 4.07 16.63 -10.38
C GLN A 344 5.43 16.90 -9.74
N ALA A 345 5.49 17.94 -8.89
CA ALA A 345 6.78 18.27 -8.28
C ALA A 345 7.28 17.14 -7.39
N TYR A 346 6.35 16.42 -6.75
CA TYR A 346 6.74 15.29 -5.90
C TYR A 346 7.30 14.17 -6.73
N PHE A 347 6.65 13.86 -7.85
CA PHE A 347 7.13 12.81 -8.75
C PHE A 347 8.51 13.15 -9.27
N GLN A 348 8.75 14.41 -9.63
N GLN A 348 8.70 14.41 -9.69
CA GLN A 348 10.06 14.71 -10.19
CA GLN A 348 10.01 14.89 -10.15
C GLN A 348 11.16 14.58 -9.14
C GLN A 348 11.09 14.54 -9.14
N THR A 349 10.86 14.88 -7.88
CA THR A 349 11.84 14.62 -6.83
C THR A 349 12.05 13.12 -6.63
N LEU A 350 10.98 12.33 -6.68
CA LEU A 350 11.12 10.88 -6.57
C LEU A 350 12.07 10.33 -7.63
N VAL A 351 11.95 10.81 -8.87
CA VAL A 351 12.82 10.38 -9.95
C VAL A 351 14.26 10.79 -9.69
N SER A 352 14.47 12.07 -9.38
CA SER A 352 15.83 12.59 -9.21
C SER A 352 16.53 11.94 -8.03
N ALA A 353 15.79 11.63 -6.98
CA ALA A 353 16.36 11.06 -5.76
C ALA A 353 16.26 9.54 -5.72
N ALA A 354 15.87 8.90 -6.81
CA ALA A 354 15.73 7.45 -6.82
C ALA A 354 17.03 6.78 -6.39
N ASN A 355 16.89 5.75 -5.57
CA ASN A 355 18.02 4.98 -5.07
C ASN A 355 17.59 3.51 -4.98
N PRO A 356 18.13 2.61 -5.82
CA PRO A 356 19.16 2.83 -6.85
C PRO A 356 18.70 3.79 -7.92
N PRO A 357 19.63 4.47 -8.59
CA PRO A 357 19.24 5.47 -9.59
C PRO A 357 18.48 4.82 -10.74
N LEU A 358 17.62 5.60 -11.37
CA LEU A 358 16.87 5.13 -12.52
C LEU A 358 17.73 5.26 -13.77
C1 GLC B . 1.96 5.78 13.48
C2 GLC B . 2.36 5.39 12.07
C3 GLC B . 1.50 6.03 11.06
C4 GLC B . 0.04 5.77 11.31
C5 GLC B . -0.36 6.04 12.77
C6 GLC B . -1.75 5.51 12.97
O1 GLC B . 2.11 7.12 13.63
O2 GLC B . 3.71 5.79 11.81
O3 GLC B . 1.91 5.50 9.77
O4 GLC B . -0.76 6.67 10.55
O5 GLC B . 0.54 5.43 13.75
O6 GLC B . -2.49 6.33 13.85
C2 BGC B . -2.40 7.00 8.82
C3 BGC B . -2.84 6.61 7.46
C4 BGC B . -1.69 6.44 6.50
C5 BGC B . -0.64 5.48 7.07
C6 BGC B . 0.57 5.38 6.19
C1 BGC B . -1.28 6.13 9.34
O2 BGC B . -3.52 6.93 9.75
O3 BGC B . -3.77 7.60 6.95
O4 BGC B . -2.15 6.00 5.22
O5 BGC B . -0.19 6.02 8.36
O6 BGC B . 1.54 4.52 6.77
C2 BGC C . -5.57 7.89 -2.07
C3 BGC C . -6.13 7.04 -3.16
C4 BGC C . -5.07 6.51 -4.09
C5 BGC C . -3.91 5.89 -3.32
C6 BGC C . -2.79 5.59 -4.27
C1 BGC C . -4.43 7.20 -1.35
O1 BGC C . -3.84 7.99 -0.43
O2 BGC C . -6.61 8.19 -1.12
O3 BGC C . -7.10 7.81 -3.92
O4 BGC C . -5.65 5.52 -4.94
O5 BGC C . -3.37 6.84 -2.34
O6 BGC C . -2.15 6.77 -4.65
#